data_9G98
#
_entry.id   9G98
#
_cell.length_a   42.089
_cell.length_b   61.451
_cell.length_c   91.882
_cell.angle_alpha   90.000
_cell.angle_beta   90.000
_cell.angle_gamma   90.000
#
_symmetry.space_group_name_H-M   'P 21 21 21'
#
loop_
_entity.id
_entity.type
_entity.pdbx_description
1 polymer 'Alginate lyase'
2 branched '4-deoxy-alpha-L-erythro-hex-4-enopyranuronic acid-(1-4)-beta-D-mannopyranuronic acid'
3 branched 'beta-D-mannopyranuronic acid-(1-4)-alpha-D-mannopyranuronic acid-(1-4)-beta-D-mannopyranuronic acid'
4 water water
#
_entity_poly.entity_id   1
_entity_poly.type   'polypeptide(L)'
_entity_poly.pdbx_seq_one_letter_code
;FLTAVSSIDTFLPVLNEAKLQWPTSALAASSEELLGGYVGSQFYLQDGKYMQFQIAGSSNRCELRQMIPDGGSEIGWAVD
DGTTHTATSSIVVPEQVDGVEEVTIMQIHSGEAPQLRISWIRSKSLDGVAYEDFIMSTVRIGTGDSSDNFVKTHLADRTA
GAMSFQIDVKDSKLTITVNGNVVVNGQDLSFWDGTDSCYFKAGAYNNNPTSESATARIKFAALAWVDHHHH
;
_entity_poly.pdbx_strand_id   A
#
# COMPACT_ATOMS: atom_id res chain seq x y z
N PHE A 1 1.40 27.66 4.86
CA PHE A 1 0.63 26.56 5.54
C PHE A 1 0.58 25.37 4.55
N LEU A 2 0.34 24.17 5.07
CA LEU A 2 0.35 22.99 4.22
C LEU A 2 -0.98 22.84 3.47
N THR A 3 -0.86 22.45 2.21
CA THR A 3 -2.03 22.26 1.35
C THR A 3 -2.67 20.88 1.56
N ALA A 4 -4.00 20.82 1.70
CA ALA A 4 -4.70 19.57 1.94
C ALA A 4 -4.90 18.75 0.64
N VAL A 5 -4.80 17.43 0.78
CA VAL A 5 -4.94 16.54 -0.37
C VAL A 5 -6.30 16.72 -1.02
N SER A 6 -7.33 17.00 -0.21
CA SER A 6 -8.69 17.16 -0.72
C SER A 6 -8.95 18.50 -1.39
N SER A 7 -7.99 19.43 -1.41
CA SER A 7 -8.17 20.66 -2.15
C SER A 7 -8.19 20.45 -3.65
N ILE A 8 -7.93 19.25 -4.19
CA ILE A 8 -8.04 19.00 -5.63
C ILE A 8 -8.96 17.80 -5.84
N ASP A 9 -9.32 17.50 -7.09
CA ASP A 9 -10.33 16.47 -7.35
C ASP A 9 -9.76 15.04 -7.41
N THR A 10 -8.45 14.94 -7.66
CA THR A 10 -7.82 13.68 -8.06
C THR A 10 -8.06 12.54 -7.07
N PHE A 11 -7.95 12.81 -5.78
CA PHE A 11 -7.97 11.74 -4.78
C PHE A 11 -9.31 11.63 -4.04
N LEU A 12 -10.32 12.42 -4.44
CA LEU A 12 -11.60 12.38 -3.72
C LEU A 12 -12.31 11.03 -3.80
N PRO A 13 -12.32 10.34 -4.91
CA PRO A 13 -12.91 8.99 -4.90
C PRO A 13 -12.27 8.07 -3.87
N VAL A 14 -10.94 8.02 -3.76
CA VAL A 14 -10.39 7.08 -2.80
C VAL A 14 -10.56 7.62 -1.38
N LEU A 15 -10.53 8.93 -1.16
CA LEU A 15 -10.73 9.46 0.20
C LEU A 15 -12.16 9.22 0.71
N ASN A 16 -13.09 9.10 -0.21
CA ASN A 16 -14.44 8.68 0.14
C ASN A 16 -14.53 7.20 0.51
N GLU A 17 -13.43 6.44 0.34
CA GLU A 17 -13.41 5.00 0.61
C GLU A 17 -12.22 4.60 1.48
N ALA A 18 -11.79 5.49 2.37
CA ALA A 18 -10.64 5.22 3.24
C ALA A 18 -10.72 5.98 4.56
N LYS A 19 -10.00 5.44 5.53
CA LYS A 19 -9.61 6.19 6.73
C LYS A 19 -8.09 6.19 6.75
N LEU A 20 -7.54 7.20 7.40
CA LEU A 20 -6.12 7.35 7.60
C LEU A 20 -5.73 6.82 8.96
N GLN A 21 -4.78 5.90 8.97
CA GLN A 21 -4.12 5.43 10.18
C GLN A 21 -2.74 6.01 10.25
N TRP A 22 -2.41 6.59 11.43
CA TRP A 22 -1.17 7.33 11.68
C TRP A 22 -1.12 7.67 13.16
N PRO A 23 0.01 7.51 13.86
CA PRO A 23 1.30 6.99 13.39
C PRO A 23 1.42 5.48 13.63
N THR A 24 0.34 4.89 14.17
CA THR A 24 0.23 3.46 14.37
C THR A 24 -1.02 3.02 13.63
N SER A 25 -1.61 1.93 14.02
CA SER A 25 -2.88 1.54 13.43
CA SER A 25 -2.87 1.55 13.41
C SER A 25 -4.05 2.32 14.01
N ALA A 26 -3.81 3.20 14.97
CA ALA A 26 -4.87 4.04 15.49
C ALA A 26 -5.41 4.99 14.42
N LEU A 27 -6.72 5.22 14.47
CA LEU A 27 -7.37 6.17 13.62
C LEU A 27 -6.80 7.55 13.83
N ALA A 28 -6.38 8.18 12.73
CA ALA A 28 -6.00 9.57 12.68
C ALA A 28 -7.03 10.46 12.01
N ALA A 29 -7.70 9.99 10.98
CA ALA A 29 -8.76 10.76 10.29
C ALA A 29 -9.70 9.79 9.62
N SER A 30 -10.99 9.96 9.90
CA SER A 30 -12.05 9.27 9.17
C SER A 30 -12.14 9.82 7.76
N SER A 31 -12.87 9.09 6.93
CA SER A 31 -13.11 9.49 5.55
C SER A 31 -13.68 10.91 5.45
N GLU A 32 -14.67 11.19 6.28
CA GLU A 32 -15.29 12.51 6.31
C GLU A 32 -14.26 13.57 6.61
N GLU A 33 -13.41 13.31 7.59
CA GLU A 33 -12.42 14.32 7.95
C GLU A 33 -11.39 14.49 6.84
N LEU A 34 -11.03 13.39 6.15
CA LEU A 34 -10.11 13.51 5.00
C LEU A 34 -10.72 14.37 3.89
N LEU A 35 -12.00 14.10 3.56
CA LEU A 35 -12.71 14.90 2.55
C LEU A 35 -12.85 16.37 2.96
N GLY A 36 -12.86 16.64 4.26
CA GLY A 36 -12.96 18.01 4.75
C GLY A 36 -11.67 18.72 5.09
N GLY A 37 -10.55 18.25 4.61
CA GLY A 37 -9.33 19.03 4.68
C GLY A 37 -8.32 18.62 5.72
N TYR A 38 -8.42 17.44 6.29
CA TYR A 38 -7.41 16.97 7.21
C TYR A 38 -6.05 17.12 6.55
N VAL A 39 -5.08 17.65 7.30
CA VAL A 39 -3.74 17.92 6.76
C VAL A 39 -2.74 17.95 7.90
N GLY A 40 -1.52 17.51 7.60
CA GLY A 40 -0.39 17.65 8.52
C GLY A 40 0.83 17.29 7.71
N SER A 41 1.99 17.36 8.34
CA SER A 41 3.20 17.09 7.60
C SER A 41 3.30 15.62 7.22
N GLN A 42 2.55 14.73 7.92
CA GLN A 42 2.52 13.31 7.57
C GLN A 42 1.70 13.05 6.30
N PHE A 43 0.85 13.99 5.90
CA PHE A 43 -0.20 13.74 4.90
C PHE A 43 -0.59 15.10 4.29
N TYR A 44 0.00 15.42 3.15
CA TYR A 44 -0.33 16.67 2.49
C TYR A 44 -0.09 16.60 0.98
N LEU A 45 -0.58 17.63 0.28
CA LEU A 45 -0.48 17.75 -1.16
C LEU A 45 0.84 18.44 -1.54
N GLN A 46 1.68 17.72 -2.26
CA GLN A 46 2.95 18.22 -2.73
C GLN A 46 2.86 18.53 -4.24
N ASP A 47 3.54 19.61 -4.67
CA ASP A 47 3.61 20.08 -6.07
C ASP A 47 2.22 20.35 -6.69
N GLY A 48 1.22 20.51 -5.87
CA GLY A 48 -0.12 20.70 -6.36
C GLY A 48 -0.74 19.47 -6.93
N LYS A 49 -0.08 18.33 -6.80
CA LYS A 49 -0.27 17.13 -7.64
C LYS A 49 -0.27 15.80 -6.85
N TYR A 50 0.63 15.64 -5.85
CA TYR A 50 0.90 14.34 -5.24
C TYR A 50 0.36 14.27 -3.81
N MET A 51 -0.36 13.20 -3.52
CA MET A 51 -0.72 12.84 -2.16
C MET A 51 0.53 12.23 -1.48
N GLN A 52 1.14 12.98 -0.57
CA GLN A 52 2.43 12.61 0.02
C GLN A 52 2.23 12.15 1.43
N PHE A 53 2.82 10.98 1.69
CA PHE A 53 2.87 10.32 2.99
C PHE A 53 4.29 10.40 3.53
N GLN A 54 4.42 10.75 4.81
CA GLN A 54 5.69 10.76 5.53
C GLN A 54 5.53 10.10 6.89
N ILE A 55 6.54 9.35 7.30
CA ILE A 55 6.46 8.66 8.60
C ILE A 55 7.85 8.24 9.05
N ALA A 56 8.12 8.39 10.35
CA ALA A 56 9.35 7.95 10.99
C ALA A 56 9.00 6.93 12.08
N GLY A 57 9.92 5.98 12.30
CA GLY A 57 9.78 5.06 13.43
C GLY A 57 9.53 3.62 13.02
N SER A 58 10.13 2.70 13.76
CA SER A 58 10.10 1.31 13.36
C SER A 58 8.65 0.78 13.47
N SER A 59 8.08 0.28 12.38
CA SER A 59 6.75 -0.29 12.39
C SER A 59 5.65 0.79 12.42
N ASN A 60 6.02 2.06 12.42
CA ASN A 60 5.02 3.09 12.30
C ASN A 60 4.49 3.18 10.86
N ARG A 61 3.35 3.87 10.71
CA ARG A 61 2.68 3.98 9.42
C ARG A 61 1.98 5.34 9.27
N CYS A 62 1.82 5.71 8.01
CA CYS A 62 0.82 6.66 7.53
C CYS A 62 0.16 6.01 6.32
N GLU A 63 -1.02 5.41 6.51
CA GLU A 63 -1.65 4.57 5.49
C GLU A 63 -3.14 4.80 5.44
N LEU A 64 -3.64 4.80 4.22
CA LEU A 64 -5.08 4.66 3.95
C LEU A 64 -5.50 3.19 4.05
N ARG A 65 -6.65 2.98 4.69
CA ARG A 65 -7.20 1.67 4.95
C ARG A 65 -8.57 1.65 4.32
N GLN A 66 -8.80 0.69 3.41
CA GLN A 66 -10.05 0.64 2.63
C GLN A 66 -11.32 0.56 3.48
N MET A 67 -12.30 1.39 3.14
CA MET A 67 -13.58 1.48 3.84
C MET A 67 -14.73 1.34 2.86
N ILE A 68 -15.87 0.92 3.40
CA ILE A 68 -17.12 1.02 2.62
C ILE A 68 -17.37 2.48 2.26
N PRO A 69 -17.86 2.79 1.06
CA PRO A 69 -17.96 4.19 0.65
C PRO A 69 -19.00 4.97 1.43
N ASP A 70 -18.91 6.30 1.34
CA ASP A 70 -19.94 7.22 1.86
C ASP A 70 -20.10 7.08 3.38
N GLY A 71 -18.97 7.11 4.08
CA GLY A 71 -19.03 7.04 5.53
C GLY A 71 -19.29 5.66 6.11
N GLY A 72 -19.10 4.60 5.33
CA GLY A 72 -19.28 3.25 5.84
C GLY A 72 -18.23 2.86 6.83
N SER A 73 -18.34 1.61 7.28
CA SER A 73 -17.42 1.09 8.28
C SER A 73 -16.36 0.28 7.53
N GLU A 74 -15.46 -0.32 8.29
CA GLU A 74 -14.43 -1.18 7.71
C GLU A 74 -14.99 -2.19 6.72
N ILE A 75 -14.35 -2.32 5.57
CA ILE A 75 -14.73 -3.33 4.60
C ILE A 75 -13.96 -4.62 4.88
N GLY A 76 -14.49 -5.72 4.38
CA GLY A 76 -13.92 -7.04 4.52
C GLY A 76 -14.37 -7.87 3.33
N TRP A 77 -13.44 -8.44 2.54
CA TRP A 77 -13.77 -9.27 1.41
C TRP A 77 -12.86 -10.50 1.42
N ALA A 78 -13.11 -11.40 0.49
CA ALA A 78 -12.40 -12.68 0.46
C ALA A 78 -11.78 -12.94 -0.90
N VAL A 79 -10.63 -13.61 -0.93
CA VAL A 79 -10.01 -13.89 -2.22
C VAL A 79 -10.87 -14.81 -3.08
N ASP A 80 -11.78 -15.57 -2.47
CA ASP A 80 -12.56 -16.56 -3.18
C ASP A 80 -14.04 -16.20 -3.20
N ASP A 81 -14.38 -14.93 -3.06
CA ASP A 81 -15.80 -14.57 -3.06
C ASP A 81 -16.38 -14.41 -4.47
N GLY A 82 -15.59 -14.66 -5.50
CA GLY A 82 -16.08 -14.62 -6.86
C GLY A 82 -16.05 -13.28 -7.53
N THR A 83 -15.80 -12.20 -6.77
CA THR A 83 -15.65 -10.84 -7.30
C THR A 83 -14.17 -10.56 -7.61
N THR A 84 -13.92 -9.78 -8.65
CA THR A 84 -12.56 -9.27 -8.86
C THR A 84 -12.33 -8.04 -7.97
N HIS A 85 -11.26 -8.08 -7.14
CA HIS A 85 -10.84 -6.97 -6.29
C HIS A 85 -9.60 -6.34 -6.89
N THR A 86 -9.71 -5.05 -7.16
CA THR A 86 -8.70 -4.30 -7.91
C THR A 86 -8.30 -3.01 -7.20
N ALA A 87 -6.99 -2.79 -7.17
CA ALA A 87 -6.40 -1.51 -6.73
C ALA A 87 -5.39 -1.07 -7.76
N THR A 88 -5.41 0.22 -8.07
CA THR A 88 -4.44 0.83 -8.97
C THR A 88 -3.82 2.05 -8.30
N SER A 89 -2.61 2.34 -8.74
CA SER A 89 -1.89 3.49 -8.23
C SER A 89 -0.85 3.89 -9.26
N SER A 90 -0.39 5.11 -9.06
CA SER A 90 0.77 5.64 -9.73
C SER A 90 1.63 6.31 -8.66
N ILE A 91 2.87 5.84 -8.50
CA ILE A 91 3.66 6.17 -7.32
C ILE A 91 5.01 6.72 -7.77
N VAL A 92 5.43 7.81 -7.13
CA VAL A 92 6.79 8.35 -7.20
C VAL A 92 7.47 7.98 -5.88
N VAL A 93 8.49 7.13 -5.97
CA VAL A 93 9.30 6.75 -4.81
C VAL A 93 10.59 7.55 -4.87
N PRO A 94 10.74 8.60 -4.08
CA PRO A 94 11.99 9.36 -4.13
C PRO A 94 13.10 8.56 -3.50
N GLU A 95 14.31 9.08 -3.66
CA GLU A 95 15.46 8.52 -2.98
C GLU A 95 15.22 8.67 -1.49
N GLN A 96 15.37 7.60 -0.74
CA GLN A 96 15.12 7.67 0.69
C GLN A 96 16.36 8.05 1.50
N VAL A 97 16.12 8.72 2.61
CA VAL A 97 17.20 9.21 3.46
C VAL A 97 17.81 8.07 4.24
N ASP A 98 18.99 8.34 4.75
CA ASP A 98 19.75 7.32 5.46
C ASP A 98 18.96 6.92 6.68
N GLY A 99 18.94 5.63 6.92
CA GLY A 99 18.26 5.04 8.05
C GLY A 99 16.95 4.34 7.69
N VAL A 100 16.38 4.68 6.54
CA VAL A 100 15.20 4.02 5.97
C VAL A 100 15.66 2.88 5.08
N GLU A 101 15.17 1.65 5.35
CA GLU A 101 15.62 0.42 4.71
C GLU A 101 14.55 -0.28 3.90
N GLU A 102 13.28 -0.11 4.26
CA GLU A 102 12.17 -0.78 3.58
C GLU A 102 10.90 0.00 3.90
N VAL A 103 10.11 0.31 2.89
CA VAL A 103 8.85 1.03 3.05
C VAL A 103 7.78 0.30 2.24
N THR A 104 6.75 -0.14 2.92
CA THR A 104 5.61 -0.80 2.30
C THR A 104 4.67 0.27 1.82
N ILE A 105 4.31 0.21 0.55
CA ILE A 105 3.53 1.26 -0.11
C ILE A 105 2.15 0.78 -0.57
N MET A 106 1.92 -0.53 -0.68
CA MET A 106 0.60 -1.09 -0.87
C MET A 106 0.55 -2.43 -0.17
N GLN A 107 -0.68 -2.80 0.24
CA GLN A 107 -0.93 -4.04 0.97
C GLN A 107 -2.28 -4.64 0.64
N ILE A 108 -2.34 -5.96 0.71
CA ILE A 108 -3.58 -6.64 1.00
C ILE A 108 -3.39 -7.17 2.40
N HIS A 109 -4.32 -6.85 3.29
CA HIS A 109 -4.20 -7.23 4.71
C HIS A 109 -5.54 -7.75 5.21
N SER A 110 -5.48 -8.61 6.23
CA SER A 110 -6.71 -9.16 6.80
C SER A 110 -6.75 -8.76 8.28
N GLY A 111 -7.68 -9.33 8.98
CA GLY A 111 -7.66 -9.14 10.44
C GLY A 111 -6.33 -9.43 11.14
N GLU A 112 -5.55 -10.38 10.61
CA GLU A 112 -4.41 -10.90 11.35
C GLU A 112 -3.09 -10.94 10.59
N ALA A 113 -3.06 -10.78 9.26
CA ALA A 113 -1.78 -10.91 8.56
C ALA A 113 -1.84 -10.18 7.21
N PRO A 114 -0.68 -9.80 6.68
CA PRO A 114 -0.59 -9.25 5.32
C PRO A 114 -0.53 -10.36 4.28
N GLN A 115 -1.54 -10.43 3.42
CA GLN A 115 -1.46 -11.35 2.28
C GLN A 115 -0.41 -10.90 1.27
N LEU A 116 -0.33 -9.60 1.04
CA LEU A 116 0.53 -8.98 0.04
C LEU A 116 1.13 -7.72 0.63
N ARG A 117 2.45 -7.57 0.52
CA ARG A 117 3.13 -6.31 0.70
C ARG A 117 3.91 -5.98 -0.56
N ILE A 118 3.65 -4.80 -1.12
CA ILE A 118 4.55 -4.20 -2.11
C ILE A 118 5.41 -3.16 -1.41
N SER A 119 6.73 -3.36 -1.42
CA SER A 119 7.62 -2.50 -0.69
C SER A 119 8.82 -2.06 -1.54
N TRP A 120 9.28 -0.86 -1.25
CA TRP A 120 10.59 -0.42 -1.67
C TRP A 120 11.61 -0.98 -0.68
N ILE A 121 12.76 -1.41 -1.18
CA ILE A 121 13.77 -1.98 -0.32
C ILE A 121 15.16 -1.55 -0.82
N ARG A 122 16.01 -1.12 0.13
CA ARG A 122 17.33 -0.58 -0.18
C ARG A 122 18.25 -1.65 -0.75
N SER A 123 18.21 -2.85 -0.20
CA SER A 123 19.19 -3.87 -0.55
C SER A 123 18.70 -5.23 -0.09
N LYS A 124 18.68 -6.22 -0.98
CA LYS A 124 18.28 -7.59 -0.57
C LYS A 124 18.67 -8.58 -1.64
N SER A 125 19.04 -9.78 -1.20
CA SER A 125 19.25 -10.92 -2.07
C SER A 125 18.00 -11.75 -2.19
N LEU A 126 17.61 -12.05 -3.41
CA LEU A 126 16.52 -12.98 -3.67
C LEU A 126 17.01 -14.04 -4.62
N ASP A 127 16.87 -15.30 -4.20
CA ASP A 127 17.24 -16.46 -5.04
C ASP A 127 18.71 -16.40 -5.48
N GLY A 128 19.57 -16.03 -4.54
CA GLY A 128 20.97 -15.84 -4.87
C GLY A 128 21.33 -14.73 -5.84
N VAL A 129 20.45 -13.75 -6.08
CA VAL A 129 20.81 -12.55 -6.84
C VAL A 129 20.70 -11.34 -5.91
N ALA A 130 21.75 -10.53 -5.86
CA ALA A 130 21.74 -9.32 -5.04
C ALA A 130 21.07 -8.19 -5.82
N TYR A 131 20.11 -7.49 -5.21
CA TYR A 131 19.40 -6.39 -5.85
C TYR A 131 19.49 -5.19 -4.95
N GLU A 132 19.54 -4.02 -5.56
CA GLU A 132 19.55 -2.76 -4.81
C GLU A 132 18.44 -1.83 -5.28
N ASP A 133 17.89 -1.04 -4.35
CA ASP A 133 17.03 0.11 -4.68
C ASP A 133 15.89 -0.35 -5.58
N PHE A 134 15.04 -1.23 -5.05
CA PHE A 134 14.04 -1.85 -5.93
C PHE A 134 12.70 -2.02 -5.23
N ILE A 135 11.72 -2.43 -6.03
CA ILE A 135 10.35 -2.71 -5.63
C ILE A 135 10.17 -4.22 -5.62
N MET A 136 9.67 -4.71 -4.49
CA MET A 136 9.49 -6.12 -4.18
C MET A 136 8.05 -6.41 -3.78
N SER A 137 7.56 -7.58 -4.15
CA SER A 137 6.37 -8.13 -3.55
C SER A 137 6.69 -9.31 -2.61
N THR A 138 5.96 -9.35 -1.48
CA THR A 138 6.02 -10.39 -0.47
C THR A 138 4.59 -10.90 -0.30
N VAL A 139 4.36 -12.13 -0.73
CA VAL A 139 3.05 -12.77 -0.61
C VAL A 139 3.17 -13.84 0.48
N ARG A 140 2.20 -13.90 1.34
CA ARG A 140 2.15 -14.92 2.37
C ARG A 140 1.26 -16.05 1.89
N ILE A 141 1.81 -17.26 1.98
CA ILE A 141 1.04 -18.47 1.72
C ILE A 141 0.87 -19.33 2.99
N GLY A 142 1.20 -18.77 4.16
CA GLY A 142 0.93 -19.35 5.48
C GLY A 142 1.12 -18.27 6.54
N THR A 143 0.93 -18.66 7.80
CA THR A 143 1.01 -17.70 8.93
C THR A 143 2.29 -17.80 9.72
N GLY A 144 3.13 -18.77 9.44
CA GLY A 144 4.39 -18.90 10.12
C GLY A 144 5.47 -17.98 9.64
N ASP A 145 6.64 -18.16 10.25
CA ASP A 145 7.74 -17.23 10.05
C ASP A 145 8.90 -17.82 9.28
N SER A 146 8.86 -19.13 9.00
CA SER A 146 9.89 -19.72 8.16
C SER A 146 9.68 -19.31 6.72
N SER A 147 10.75 -19.46 5.94
CA SER A 147 10.81 -18.90 4.61
C SER A 147 9.81 -19.58 3.67
N ASP A 148 9.37 -20.79 3.98
CA ASP A 148 8.36 -21.49 3.16
C ASP A 148 6.99 -20.80 3.21
N ASN A 149 6.78 -19.86 4.12
CA ASN A 149 5.50 -19.18 4.20
C ASN A 149 5.39 -17.97 3.28
N PHE A 150 6.46 -17.62 2.56
CA PHE A 150 6.51 -16.41 1.76
C PHE A 150 6.92 -16.73 0.32
N VAL A 151 6.39 -15.96 -0.62
CA VAL A 151 6.87 -15.87 -1.99
C VAL A 151 7.30 -14.43 -2.25
N LYS A 152 8.58 -14.24 -2.46
CA LYS A 152 9.19 -12.93 -2.63
C LYS A 152 9.66 -12.76 -4.08
N THR A 153 9.32 -11.63 -4.72
CA THR A 153 9.58 -11.37 -6.14
C THR A 153 10.09 -9.95 -6.39
N HIS A 154 11.18 -9.85 -7.15
CA HIS A 154 11.66 -8.58 -7.69
C HIS A 154 10.65 -8.10 -8.70
N LEU A 155 10.02 -6.96 -8.45
CA LEU A 155 9.07 -6.44 -9.42
C LEU A 155 9.73 -5.48 -10.40
N ALA A 156 10.58 -4.58 -9.90
CA ALA A 156 11.15 -3.55 -10.76
C ALA A 156 12.22 -2.80 -9.99
N ASP A 157 13.22 -2.28 -10.66
CA ASP A 157 14.10 -1.28 -10.06
C ASP A 157 13.38 0.06 -9.92
N ARG A 158 13.69 0.76 -8.86
CA ARG A 158 13.01 2.01 -8.55
C ARG A 158 13.37 3.02 -9.65
N THR A 159 12.39 3.71 -10.17
CA THR A 159 12.59 4.77 -11.16
C THR A 159 12.36 6.13 -10.53
N ALA A 160 12.99 7.14 -11.12
CA ALA A 160 12.76 8.50 -10.69
C ALA A 160 11.36 8.97 -11.01
N GLY A 161 10.79 8.49 -12.09
CA GLY A 161 9.44 8.87 -12.46
C GLY A 161 8.35 7.95 -11.93
N ALA A 162 7.10 8.35 -12.14
CA ALA A 162 5.96 7.62 -11.65
C ALA A 162 5.98 6.18 -12.16
N MET A 163 5.71 5.22 -11.27
CA MET A 163 5.54 3.83 -11.62
C MET A 163 4.12 3.43 -11.34
N SER A 164 3.49 2.79 -12.30
CA SER A 164 2.12 2.43 -12.16
C SER A 164 1.97 0.95 -11.75
N PHE A 165 1.00 0.70 -10.84
CA PHE A 165 0.71 -0.63 -10.29
C PHE A 165 -0.77 -0.92 -10.45
N GLN A 166 -1.07 -2.15 -10.81
CA GLN A 166 -2.39 -2.70 -10.67
C GLN A 166 -2.30 -4.05 -9.97
N ILE A 167 -3.16 -4.23 -8.99
CA ILE A 167 -3.30 -5.46 -8.21
C ILE A 167 -4.71 -6.01 -8.47
N ASP A 168 -4.79 -7.28 -8.87
CA ASP A 168 -6.08 -7.94 -9.09
C ASP A 168 -6.10 -9.24 -8.32
N VAL A 169 -7.21 -9.49 -7.61
CA VAL A 169 -7.47 -10.74 -6.92
C VAL A 169 -8.81 -11.26 -7.47
N LYS A 170 -8.77 -12.44 -8.06
CA LYS A 170 -10.00 -13.11 -8.54
C LYS A 170 -9.83 -14.61 -8.33
N ASP A 171 -10.84 -15.25 -7.76
CA ASP A 171 -10.85 -16.72 -7.73
C ASP A 171 -9.55 -17.24 -7.14
N SER A 172 -9.17 -16.67 -5.99
CA SER A 172 -8.02 -17.12 -5.19
C SER A 172 -6.70 -16.90 -5.90
N LYS A 173 -6.65 -16.01 -6.89
CA LYS A 173 -5.42 -15.80 -7.63
C LYS A 173 -5.05 -14.32 -7.63
N LEU A 174 -3.75 -14.05 -7.55
CA LEU A 174 -3.22 -12.70 -7.50
C LEU A 174 -2.43 -12.38 -8.77
N THR A 175 -2.73 -11.22 -9.37
CA THR A 175 -1.98 -10.69 -10.50
C THR A 175 -1.50 -9.28 -10.19
N ILE A 176 -0.22 -9.04 -10.43
CA ILE A 176 0.39 -7.73 -10.23
C ILE A 176 0.98 -7.30 -11.55
N THR A 177 0.55 -6.12 -11.98
CA THR A 177 1.00 -5.43 -13.19
C THR A 177 1.77 -4.17 -12.81
N VAL A 178 2.94 -4.01 -13.41
CA VAL A 178 3.86 -2.92 -13.14
C VAL A 178 4.15 -2.22 -14.46
N ASN A 179 3.81 -0.94 -14.56
CA ASN A 179 3.98 -0.16 -15.81
C ASN A 179 3.45 -0.93 -17.01
N GLY A 180 2.26 -1.49 -16.85
CA GLY A 180 1.63 -2.22 -17.96
C GLY A 180 2.12 -3.63 -18.24
N ASN A 181 3.13 -4.11 -17.54
CA ASN A 181 3.68 -5.43 -17.77
C ASN A 181 3.24 -6.36 -16.61
N VAL A 182 2.61 -7.49 -16.92
CA VAL A 182 2.25 -8.45 -15.88
C VAL A 182 3.53 -9.06 -15.33
N VAL A 183 3.82 -8.84 -14.04
CA VAL A 183 5.03 -9.40 -13.46
C VAL A 183 4.67 -10.60 -12.59
N VAL A 184 3.53 -10.56 -11.95
CA VAL A 184 3.15 -11.69 -11.13
C VAL A 184 1.85 -12.15 -11.73
N ASN A 185 1.83 -13.41 -12.20
CA ASN A 185 0.71 -13.91 -13.01
C ASN A 185 0.02 -15.06 -12.32
N GLY A 186 -1.11 -14.82 -11.67
CA GLY A 186 -1.85 -15.92 -11.04
C GLY A 186 -1.16 -16.59 -9.86
N GLN A 187 -0.54 -15.81 -8.99
CA GLN A 187 -0.03 -16.40 -7.75
C GLN A 187 -1.18 -16.99 -6.95
N ASP A 188 -0.96 -18.20 -6.42
CA ASP A 188 -2.00 -18.87 -5.64
C ASP A 188 -2.21 -18.20 -4.28
N LEU A 189 -3.46 -17.82 -3.97
CA LEU A 189 -3.79 -17.33 -2.62
C LEU A 189 -4.80 -18.20 -1.89
N SER A 190 -4.97 -19.45 -2.35
CA SER A 190 -6.02 -20.35 -1.83
C SER A 190 -5.82 -20.72 -0.38
N PHE A 191 -4.62 -20.52 0.19
CA PHE A 191 -4.48 -20.65 1.63
C PHE A 191 -5.47 -19.74 2.36
N TRP A 192 -5.80 -18.57 1.79
CA TRP A 192 -6.67 -17.59 2.44
C TRP A 192 -8.14 -17.80 2.12
N ASP A 193 -8.50 -18.84 1.37
CA ASP A 193 -9.92 -19.11 1.08
C ASP A 193 -10.75 -19.13 2.37
N GLY A 194 -11.89 -18.44 2.34
CA GLY A 194 -12.75 -18.33 3.51
C GLY A 194 -12.44 -17.20 4.46
N THR A 195 -11.24 -16.64 4.48
CA THR A 195 -10.98 -15.47 5.31
C THR A 195 -11.70 -14.28 4.70
N ASP A 196 -12.71 -13.71 5.37
CA ASP A 196 -13.51 -12.67 4.72
C ASP A 196 -13.29 -11.28 5.32
N SER A 197 -12.08 -11.01 5.81
CA SER A 197 -11.69 -9.75 6.44
C SER A 197 -10.59 -9.04 5.65
N CYS A 198 -10.38 -9.39 4.36
CA CYS A 198 -9.30 -8.77 3.58
C CYS A 198 -9.71 -7.37 3.14
N TYR A 199 -8.69 -6.52 2.98
CA TYR A 199 -8.88 -5.14 2.52
C TYR A 199 -7.57 -4.62 1.95
N PHE A 200 -7.70 -3.59 1.10
CA PHE A 200 -6.52 -2.88 0.56
C PHE A 200 -6.01 -1.80 1.51
N LYS A 201 -4.69 -1.58 1.46
CA LYS A 201 -4.05 -0.43 2.07
C LYS A 201 -3.03 0.16 1.11
N ALA A 202 -2.75 1.43 1.35
CA ALA A 202 -1.75 2.15 0.58
C ALA A 202 -1.24 3.33 1.42
N GLY A 203 0.03 3.62 1.24
CA GLY A 203 0.67 4.79 1.84
C GLY A 203 2.15 4.50 2.11
N ALA A 204 2.50 4.60 3.37
CA ALA A 204 3.88 4.37 3.81
C ALA A 204 3.87 3.65 5.16
N TYR A 205 4.43 2.48 5.18
CA TYR A 205 4.56 1.71 6.38
C TYR A 205 6.03 1.32 6.48
N ASN A 206 6.69 1.75 7.56
CA ASN A 206 8.14 1.77 7.65
C ASN A 206 8.63 0.51 8.38
N ASN A 207 9.49 -0.28 7.71
CA ASN A 207 9.91 -1.60 8.15
C ASN A 207 11.39 -1.65 8.43
N ASN A 208 11.76 -2.08 9.63
CA ASN A 208 13.13 -2.33 10.01
C ASN A 208 14.10 -1.18 9.69
N PRO A 209 13.75 0.05 10.04
CA PRO A 209 14.73 1.13 9.84
C PRO A 209 15.90 0.95 10.80
N THR A 210 17.01 1.63 10.52
CA THR A 210 18.16 1.62 11.44
C THR A 210 18.25 2.87 12.29
N SER A 211 17.36 3.82 12.06
CA SER A 211 17.14 4.98 12.89
C SER A 211 15.65 5.22 13.02
N GLU A 212 15.16 5.47 14.23
CA GLU A 212 13.75 5.73 14.41
C GLU A 212 13.42 7.16 14.11
N SER A 213 14.42 7.99 13.89
CA SER A 213 14.14 9.38 13.56
CA SER A 213 14.14 9.38 13.57
C SER A 213 14.14 9.64 12.07
N ALA A 214 14.52 8.65 11.24
CA ALA A 214 14.62 8.87 9.80
C ALA A 214 13.24 8.77 9.15
N THR A 215 12.91 9.71 8.31
CA THR A 215 11.56 9.88 7.80
C THR A 215 11.46 9.31 6.41
N ALA A 216 10.59 8.34 6.25
CA ALA A 216 10.30 7.78 4.95
C ALA A 216 9.28 8.66 4.25
N ARG A 217 9.35 8.71 2.92
CA ARG A 217 8.50 9.64 2.16
C ARG A 217 8.09 9.05 0.81
N ILE A 218 6.79 9.03 0.51
CA ILE A 218 6.26 8.40 -0.70
C ILE A 218 5.22 9.34 -1.30
N LYS A 219 5.24 9.52 -2.61
CA LYS A 219 4.34 10.43 -3.30
C LYS A 219 3.43 9.65 -4.23
N PHE A 220 2.11 9.76 -4.05
CA PHE A 220 1.15 9.12 -4.96
C PHE A 220 0.60 10.14 -5.94
N ALA A 221 0.69 9.84 -7.22
CA ALA A 221 0.03 10.62 -8.27
C ALA A 221 -1.40 10.15 -8.59
N ALA A 222 -1.74 8.89 -8.26
CA ALA A 222 -3.05 8.31 -8.44
C ALA A 222 -3.16 7.15 -7.47
N LEU A 223 -4.40 6.89 -7.01
CA LEU A 223 -4.70 5.74 -6.17
C LEU A 223 -6.20 5.49 -6.28
N ALA A 224 -6.61 4.26 -6.50
CA ALA A 224 -8.05 3.97 -6.49
C ALA A 224 -8.32 2.51 -6.17
N TRP A 225 -9.40 2.29 -5.49
CA TRP A 225 -9.99 0.97 -5.41
C TRP A 225 -11.08 0.88 -6.49
N VAL A 226 -10.95 -0.07 -7.38
CA VAL A 226 -11.78 -0.16 -8.59
C VAL A 226 -12.90 -1.18 -8.39
N ASP A 227 -14.14 -0.66 -8.35
CA ASP A 227 -15.32 -1.46 -8.06
C ASP A 227 -15.82 -2.08 -9.36
N HIS A 228 -15.70 -3.40 -9.48
CA HIS A 228 -16.18 -4.12 -10.68
C HIS A 228 -17.71 -4.28 -10.72
N HIS A 229 -18.42 -3.86 -9.65
CA HIS A 229 -19.87 -3.93 -9.55
C HIS A 229 -20.57 -2.59 -9.69
N HIS A 230 -19.87 -1.48 -9.57
CA HIS A 230 -20.53 -0.17 -9.80
C HIS A 230 -21.78 -0.03 -8.89
N HIS A 231 -21.61 -0.37 -7.60
CA HIS A 231 -22.72 -0.57 -6.64
C HIS A 231 -24.07 -0.81 -7.31
#